data_3WJS
#
_entry.id   3WJS
#
_cell.length_a   138.886
_cell.length_b   138.886
_cell.length_c   145.091
_cell.angle_alpha   90.00
_cell.angle_beta   90.00
_cell.angle_gamma   120.00
#
_symmetry.space_group_name_H-M   'P 61 2 2'
#
loop_
_entity.id
_entity.type
_entity.pdbx_description
1 polymer 'NADH oxidase'
2 non-polymer 'TRIETHYLENE GLYCOL'
3 non-polymer DI(HYDROXYETHYL)ETHER
4 non-polymer 'MERCURY (II) ION'
#
_entity_poly.entity_id   1
_entity_poly.type   'polypeptide(L)'
_entity_poly.pdbx_seq_one_letter_code
;MPTLFDPIDFGPIHAKNRIVMSPLTRGRADKEAVPTPIMAEYYAQRASAGLIITEATGISREGLGWPFAPGIWSDAQVEA
WKPIVAGVHAKGGKIVCQLWHMGRMVHSSVTGTQPVSSSATTAPGEVHTYEGKKPFEQARAIDAADISRILNDYENAARN
AIRAGFDGVQIHAANGYLIDEFLRNGTNHRTDEYGGVPENRIRFLKEVTERVIAAIGADRTGVRLSPNGDTQGCIDSAPE
TVFVPAAKLLQDLGVAWLELREPGPNGTFGKTDQPKLSPQIRKVFLRPLVLNQDYTFEAAQTALAEGKADAIAFGRKFIS
NPDLPERFARGIALQPDDMKTWYSQGPEGYTDYPSATSGPN
;
_entity_poly.pdbx_strand_id   A
#
loop_
_chem_comp.id
_chem_comp.type
_chem_comp.name
_chem_comp.formula
HG non-polymer 'MERCURY (II) ION' 'Hg 2'
PEG non-polymer DI(HYDROXYETHYL)ETHER 'C4 H10 O3'
PGE non-polymer 'TRIETHYLENE GLYCOL' 'C6 H14 O4'
#
# COMPACT_ATOMS: atom_id res chain seq x y z
N MET A 1 -19.20 -18.85 -1.46
CA MET A 1 -20.54 -18.40 -1.01
C MET A 1 -20.59 -17.06 -0.24
N PRO A 2 -19.47 -16.51 0.29
CA PRO A 2 -19.70 -15.34 1.16
C PRO A 2 -20.19 -14.06 0.45
N THR A 3 -20.76 -13.15 1.25
CA THR A 3 -21.30 -11.88 0.76
C THR A 3 -20.48 -10.77 1.44
N LEU A 4 -20.60 -9.56 0.94
CA LEU A 4 -20.07 -8.41 1.64
C LEU A 4 -20.48 -8.24 3.08
N PHE A 5 -21.51 -8.91 3.53
CA PHE A 5 -21.93 -8.70 4.90
C PHE A 5 -21.38 -9.74 5.81
N ASP A 6 -20.69 -10.72 5.28
CA ASP A 6 -20.19 -11.75 6.14
C ASP A 6 -18.88 -11.30 6.75
N PRO A 7 -18.64 -11.69 8.02
CA PRO A 7 -17.39 -11.49 8.72
C PRO A 7 -16.23 -11.99 7.95
N ILE A 8 -15.04 -11.54 8.31
CA ILE A 8 -13.84 -12.17 7.77
C ILE A 8 -12.73 -11.84 8.71
N ASP A 9 -11.71 -12.68 8.71
CA ASP A 9 -10.55 -12.43 9.53
C ASP A 9 -9.29 -12.09 8.74
N PHE A 10 -8.62 -11.09 9.22
CA PHE A 10 -7.36 -10.77 8.66
C PHE A 10 -6.36 -11.04 9.80
N GLY A 11 -5.67 -12.19 9.76
CA GLY A 11 -4.94 -12.67 10.91
C GLY A 11 -5.85 -12.63 12.12
N PRO A 12 -5.37 -12.07 13.23
CA PRO A 12 -6.20 -11.83 14.37
C PRO A 12 -7.20 -10.72 14.26
N ILE A 13 -7.33 -10.09 13.10
CA ILE A 13 -8.28 -8.98 13.00
C ILE A 13 -9.63 -9.49 12.60
N HIS A 14 -10.59 -9.34 13.52
CA HIS A 14 -11.94 -9.89 13.31
C HIS A 14 -12.74 -8.76 12.73
N ALA A 15 -12.80 -8.75 11.42
CA ALA A 15 -13.56 -7.77 10.70
C ALA A 15 -15.04 -8.17 10.66
N LYS A 16 -15.87 -7.19 11.01
CA LYS A 16 -17.32 -7.31 11.13
C LYS A 16 -17.97 -7.81 9.82
N ASN A 17 -17.39 -7.35 8.72
CA ASN A 17 -17.85 -7.59 7.37
C ASN A 17 -16.72 -7.45 6.29
N ARG A 18 -17.07 -7.48 5.01
CA ARG A 18 -16.05 -7.64 3.93
C ARG A 18 -15.78 -6.39 3.07
N ILE A 19 -16.20 -5.28 3.65
CA ILE A 19 -15.94 -3.99 3.12
C ILE A 19 -14.66 -3.45 3.68
N VAL A 20 -13.89 -2.81 2.79
CA VAL A 20 -12.64 -2.21 3.15
C VAL A 20 -12.62 -0.81 2.69
N MET A 21 -12.65 0.15 3.62
CA MET A 21 -12.47 1.51 3.22
C MET A 21 -11.02 1.80 3.10
N SER A 22 -10.57 2.22 1.91
CA SER A 22 -9.15 2.44 1.59
C SER A 22 -8.93 3.76 0.90
N PRO A 23 -9.15 4.89 1.60
CA PRO A 23 -9.18 6.27 1.10
C PRO A 23 -8.06 6.70 0.21
N LEU A 24 -8.40 7.57 -0.74
CA LEU A 24 -7.41 8.19 -1.56
C LEU A 24 -6.78 9.30 -0.73
N THR A 25 -5.68 9.89 -1.21
CA THR A 25 -4.91 10.83 -0.35
C THR A 25 -5.67 12.16 -0.13
N ARG A 26 -6.65 12.10 0.75
CA ARG A 26 -7.27 13.27 1.30
C ARG A 26 -6.29 14.46 1.42
N GLY A 27 -5.05 14.24 1.83
CA GLY A 27 -4.09 15.31 2.10
C GLY A 27 -4.48 16.37 3.13
N ARG A 28 -5.04 16.04 4.31
CA ARG A 28 -5.38 17.10 5.30
C ARG A 28 -4.54 17.01 6.58
N ALA A 29 -3.23 16.88 6.43
CA ALA A 29 -2.34 16.87 7.59
C ALA A 29 -1.52 18.11 7.48
N ASP A 30 -0.74 18.40 8.53
CA ASP A 30 0.07 19.62 8.58
C ASP A 30 1.36 19.51 7.77
N LYS A 31 2.15 20.59 7.76
CA LYS A 31 3.39 20.60 7.00
C LYS A 31 4.49 19.67 7.54
N GLU A 32 4.48 19.32 8.83
CA GLU A 32 5.41 18.29 9.34
C GLU A 32 4.79 16.88 9.28
N ALA A 33 3.75 16.76 8.47
CA ALA A 33 3.06 15.49 8.26
C ALA A 33 2.46 14.90 9.50
N VAL A 34 2.14 15.75 10.46
CA VAL A 34 1.37 15.31 11.60
C VAL A 34 -0.12 15.36 11.34
N PRO A 35 -0.83 14.26 11.60
CA PRO A 35 -2.27 14.25 11.50
C PRO A 35 -2.87 15.38 12.25
N THR A 36 -4.09 15.72 11.86
CA THR A 36 -4.84 16.86 12.39
C THR A 36 -6.19 16.43 12.94
N PRO A 37 -6.85 17.33 13.68
CA PRO A 37 -8.09 16.92 14.32
C PRO A 37 -9.23 16.59 13.40
N ILE A 38 -9.31 17.21 12.24
CA ILE A 38 -10.33 16.76 11.26
C ILE A 38 -10.23 15.27 10.97
N MET A 39 -9.01 14.79 10.84
CA MET A 39 -8.81 13.41 10.43
C MET A 39 -9.51 12.42 11.35
N ALA A 40 -9.61 12.77 12.64
CA ALA A 40 -10.33 11.94 13.62
C ALA A 40 -11.73 11.70 13.12
N GLU A 41 -12.38 12.76 12.66
CA GLU A 41 -13.74 12.57 12.22
C GLU A 41 -13.83 11.86 10.89
N TYR A 42 -12.93 12.21 9.98
CA TYR A 42 -12.91 11.53 8.70
C TYR A 42 -12.79 10.04 8.92
N TYR A 43 -11.91 9.58 9.80
CA TYR A 43 -11.78 8.15 10.02
C TYR A 43 -12.87 7.56 10.86
N ALA A 44 -13.32 8.29 11.88
CA ALA A 44 -14.38 7.75 12.71
C ALA A 44 -15.67 7.49 11.91
N GLN A 45 -15.99 8.30 10.91
CA GLN A 45 -17.15 8.01 10.05
C GLN A 45 -17.11 6.70 9.28
N ARG A 46 -15.91 6.25 8.98
CA ARG A 46 -15.78 5.03 8.25
C ARG A 46 -15.68 3.77 9.11
N ALA A 47 -15.87 3.87 10.43
CA ALA A 47 -15.81 2.71 11.35
C ALA A 47 -16.77 1.50 11.09
N SER A 48 -17.81 1.71 10.29
CA SER A 48 -18.85 0.71 10.00
C SER A 48 -18.26 -0.32 9.04
N ALA A 49 -17.23 0.08 8.33
CA ALA A 49 -16.63 -0.78 7.34
C ALA A 49 -15.93 -1.85 8.09
N GLY A 50 -15.86 -3.04 7.53
CA GLY A 50 -15.17 -4.16 8.21
C GLY A 50 -13.77 -3.85 8.75
N LEU A 51 -13.01 -3.21 7.85
CA LEU A 51 -11.63 -2.79 8.09
C LEU A 51 -11.35 -1.45 7.37
N ILE A 52 -10.54 -0.58 7.96
CA ILE A 52 -10.11 0.64 7.32
C ILE A 52 -8.62 0.57 7.06
N ILE A 53 -8.25 0.86 5.83
CA ILE A 53 -6.89 1.11 5.52
C ILE A 53 -6.77 2.59 5.44
N THR A 54 -5.75 3.16 6.04
CA THR A 54 -5.60 4.58 6.03
C THR A 54 -5.21 5.06 4.65
N GLU A 55 -5.35 6.37 4.49
CA GLU A 55 -4.67 7.10 3.48
C GLU A 55 -3.22 6.75 3.63
N ALA A 56 -2.49 6.76 2.52
CA ALA A 56 -1.11 6.32 2.52
C ALA A 56 -0.34 7.26 3.36
N THR A 57 0.43 6.69 4.27
CA THR A 57 1.11 7.46 5.28
C THR A 57 2.64 7.29 5.17
N GLY A 58 3.36 8.41 5.10
CA GLY A 58 4.80 8.39 4.91
C GLY A 58 5.55 7.67 6.02
N ILE A 59 6.52 6.84 5.63
CA ILE A 59 7.48 6.34 6.59
C ILE A 59 8.67 7.24 6.77
N SER A 60 8.89 8.22 5.91
CA SER A 60 10.08 9.03 6.05
C SER A 60 9.83 10.23 5.25
N ARG A 61 10.50 11.33 5.58
CA ARG A 61 10.42 12.52 4.74
C ARG A 61 10.97 12.27 3.34
N GLU A 62 12.03 11.50 3.22
CA GLU A 62 12.60 11.20 1.94
C GLU A 62 11.56 10.59 1.00
N GLY A 63 10.70 9.77 1.61
CA GLY A 63 9.72 8.97 0.89
C GLY A 63 8.36 9.65 0.86
N LEU A 64 8.22 10.82 1.46
CA LEU A 64 6.93 11.46 1.47
C LEU A 64 6.96 12.73 0.65
N GLY A 65 6.44 12.65 -0.55
CA GLY A 65 6.51 13.76 -1.47
C GLY A 65 5.22 14.48 -1.72
N TRP A 66 4.16 14.05 -1.06
CA TRP A 66 2.85 14.58 -1.36
C TRP A 66 2.47 15.69 -0.42
N PRO A 67 2.16 16.86 -0.94
CA PRO A 67 1.99 17.95 0.03
C PRO A 67 0.85 17.71 1.01
N PHE A 68 1.10 18.00 2.28
CA PHE A 68 0.14 17.80 3.35
C PHE A 68 -0.27 16.37 3.66
N ALA A 69 0.41 15.39 3.10
CA ALA A 69 0.19 14.04 3.54
C ALA A 69 0.67 13.89 4.97
N PRO A 70 0.14 12.88 5.70
CA PRO A 70 0.60 12.56 7.02
C PRO A 70 1.70 11.55 6.93
N GLY A 71 2.40 11.35 8.04
CA GLY A 71 3.42 10.31 8.16
C GLY A 71 3.41 9.62 9.51
N ILE A 72 4.44 8.84 9.77
CA ILE A 72 4.48 8.13 11.01
C ILE A 72 5.89 7.76 11.49
N TRP A 73 6.87 8.54 11.11
CA TRP A 73 8.19 8.33 11.63
C TRP A 73 8.37 9.02 12.95
N SER A 74 7.66 10.12 13.22
CA SER A 74 7.98 10.91 14.42
C SER A 74 7.12 10.54 15.60
N ASP A 75 7.68 10.77 16.80
CA ASP A 75 6.93 10.63 18.05
C ASP A 75 5.69 11.55 18.03
N ALA A 76 5.84 12.77 17.49
CA ALA A 76 4.72 13.70 17.39
C ALA A 76 3.59 13.08 16.59
N GLN A 77 3.96 12.48 15.47
CA GLN A 77 3.00 11.89 14.52
C GLN A 77 2.23 10.79 15.23
N VAL A 78 2.94 9.86 15.87
CA VAL A 78 2.32 8.77 16.61
C VAL A 78 1.26 9.33 17.56
N GLU A 79 1.67 10.32 18.34
CA GLU A 79 0.79 10.89 19.33
C GLU A 79 -0.51 11.45 18.77
N ALA A 80 -0.41 12.12 17.61
CA ALA A 80 -1.59 12.56 16.82
C ALA A 80 -2.51 11.42 16.29
N TRP A 81 -1.94 10.40 15.68
CA TRP A 81 -2.74 9.26 15.24
C TRP A 81 -3.52 8.61 16.36
N LYS A 82 -2.93 8.58 17.54
CA LYS A 82 -3.51 7.86 18.68
C LYS A 82 -4.99 8.08 18.86
N PRO A 83 -5.41 9.31 19.08
CA PRO A 83 -6.81 9.59 19.26
C PRO A 83 -7.64 9.29 18.03
N ILE A 84 -7.07 9.53 16.86
CA ILE A 84 -7.75 9.15 15.62
C ILE A 84 -8.06 7.66 15.61
N VAL A 85 -7.03 6.86 15.84
CA VAL A 85 -7.19 5.43 15.89
C VAL A 85 -8.18 5.07 16.98
N ALA A 86 -8.10 5.68 18.15
CA ALA A 86 -8.96 5.26 19.28
C ALA A 86 -10.43 5.61 19.05
N GLY A 87 -10.64 6.75 18.37
CA GLY A 87 -11.93 7.10 17.82
C GLY A 87 -12.59 5.93 17.09
N VAL A 88 -11.80 5.23 16.29
CA VAL A 88 -12.33 4.19 15.42
C VAL A 88 -12.70 3.02 16.24
N HIS A 89 -11.88 2.71 17.21
CA HIS A 89 -12.09 1.52 17.99
C HIS A 89 -13.30 1.69 18.87
N ALA A 90 -13.36 2.82 19.59
CA ALA A 90 -14.59 3.28 20.26
C ALA A 90 -15.82 2.91 19.50
N LYS A 91 -15.83 3.12 18.21
CA LYS A 91 -16.96 2.76 17.42
C LYS A 91 -16.92 1.30 16.99
N GLY A 92 -16.09 0.47 17.58
CA GLY A 92 -15.95 -0.93 17.11
C GLY A 92 -15.54 -1.05 15.66
N GLY A 93 -14.33 -0.59 15.37
CA GLY A 93 -13.81 -0.53 14.00
C GLY A 93 -12.47 -1.25 13.98
N LYS A 94 -11.88 -1.40 12.82
CA LYS A 94 -10.55 -1.97 12.72
C LYS A 94 -9.84 -1.13 11.73
N ILE A 95 -8.54 -0.99 11.90
CA ILE A 95 -7.82 -0.03 11.13
C ILE A 95 -6.36 -0.38 11.15
N VAL A 96 -5.73 -0.14 10.02
CA VAL A 96 -4.49 -0.71 9.74
C VAL A 96 -3.76 0.38 8.95
N CYS A 97 -2.47 0.57 9.16
CA CYS A 97 -1.85 1.79 8.63
C CYS A 97 -1.05 1.48 7.40
N GLN A 98 -1.13 2.32 6.40
CA GLN A 98 -0.54 2.03 5.14
C GLN A 98 0.77 2.76 4.94
N LEU A 99 1.82 1.98 4.69
CA LEU A 99 3.16 2.45 4.73
C LEU A 99 3.77 2.80 3.38
N TRP A 100 4.10 4.07 3.27
CA TRP A 100 4.39 4.64 1.99
C TRP A 100 5.82 5.04 1.85
N HIS A 101 6.52 4.50 0.86
CA HIS A 101 7.70 5.20 0.36
C HIS A 101 7.53 5.48 -1.10
N MET A 102 7.36 6.75 -1.40
CA MET A 102 7.05 7.20 -2.74
C MET A 102 8.13 7.02 -3.80
N GLY A 103 9.35 6.90 -3.36
CA GLY A 103 10.44 6.53 -4.25
C GLY A 103 10.75 7.77 -5.04
N ARG A 104 10.53 7.63 -6.34
CA ARG A 104 10.95 8.59 -7.34
C ARG A 104 9.83 9.51 -7.69
N MET A 105 8.77 9.49 -6.91
CA MET A 105 7.50 10.13 -7.24
C MET A 105 7.29 11.31 -6.34
N VAL A 106 8.39 12.01 -6.10
CA VAL A 106 8.41 13.06 -5.12
C VAL A 106 9.25 14.16 -5.69
N HIS A 107 9.14 15.33 -5.07
CA HIS A 107 9.94 16.44 -5.51
C HIS A 107 10.79 16.93 -4.39
N SER A 108 12.05 17.24 -4.69
CA SER A 108 13.01 17.57 -3.61
C SER A 108 12.63 18.84 -2.91
N SER A 109 11.80 19.65 -3.53
CA SER A 109 11.27 20.80 -2.86
C SER A 109 10.32 20.46 -1.76
N VAL A 110 10.07 19.19 -1.51
CA VAL A 110 9.10 18.77 -0.51
C VAL A 110 9.76 17.78 0.39
N THR A 111 10.63 16.93 -0.16
CA THR A 111 11.35 15.97 0.62
C THR A 111 12.58 16.55 1.17
N GLY A 112 12.96 17.68 0.63
CA GLY A 112 14.23 18.27 0.96
C GLY A 112 15.41 17.50 0.42
N THR A 113 15.22 16.51 -0.44
CA THR A 113 16.36 15.74 -0.98
C THR A 113 16.07 15.24 -2.39
N GLN A 114 17.07 14.63 -2.98
CA GLN A 114 16.90 14.08 -4.30
C GLN A 114 16.03 12.84 -4.20
N PRO A 115 15.12 12.66 -5.16
CA PRO A 115 14.35 11.45 -5.25
C PRO A 115 15.21 10.21 -5.28
N VAL A 116 14.81 9.17 -4.56
CA VAL A 116 15.58 7.94 -4.61
C VAL A 116 14.78 6.82 -5.22
N SER A 117 15.43 5.93 -5.95
CA SER A 117 14.72 4.84 -6.57
C SER A 117 15.66 3.71 -6.66
N SER A 118 15.18 2.60 -7.18
CA SER A 118 15.98 1.43 -7.44
C SER A 118 17.13 1.71 -8.39
N SER A 119 16.88 2.60 -9.34
CA SER A 119 17.88 3.00 -10.31
C SER A 119 17.64 4.47 -10.61
N ALA A 120 18.58 5.10 -11.31
CA ALA A 120 18.53 6.55 -11.52
C ALA A 120 17.71 6.90 -12.74
N THR A 121 16.46 7.26 -12.49
CA THR A 121 15.43 7.41 -13.52
C THR A 121 14.63 8.69 -13.28
N THR A 122 13.74 9.03 -14.19
CA THR A 122 13.01 10.26 -14.05
C THR A 122 11.66 9.92 -14.46
N ALA A 123 10.70 10.16 -13.59
CA ALA A 123 9.36 9.77 -13.90
C ALA A 123 8.84 10.77 -14.91
N PRO A 124 7.87 10.35 -15.72
CA PRO A 124 7.19 11.19 -16.69
C PRO A 124 6.19 12.12 -16.02
N GLY A 125 5.98 13.30 -16.59
CA GLY A 125 4.93 14.21 -16.15
C GLY A 125 5.43 15.31 -15.26
N GLU A 126 4.54 15.82 -14.43
CA GLU A 126 4.89 16.79 -13.39
C GLU A 126 4.51 16.25 -11.99
N VAL A 127 4.93 16.94 -10.94
CA VAL A 127 4.68 16.51 -9.58
C VAL A 127 4.10 17.64 -8.81
N HIS A 128 3.31 17.33 -7.78
CA HIS A 128 2.69 18.38 -7.01
C HIS A 128 3.67 18.82 -5.95
N THR A 129 3.59 20.09 -5.57
CA THR A 129 4.53 20.69 -4.62
C THR A 129 3.77 21.77 -3.91
N TYR A 130 4.24 22.29 -2.80
CA TYR A 130 3.42 23.29 -2.17
C TYR A 130 3.42 24.54 -3.05
N GLU A 131 4.36 24.62 -4.00
CA GLU A 131 4.40 25.66 -5.05
C GLU A 131 3.65 25.29 -6.34
N GLY A 132 2.70 24.35 -6.33
CA GLY A 132 2.08 23.87 -7.57
C GLY A 132 3.00 22.92 -8.34
N LYS A 133 2.67 22.63 -9.59
CA LYS A 133 3.28 21.51 -10.35
C LYS A 133 4.67 21.79 -10.89
N LYS A 134 5.47 20.76 -11.13
CA LYS A 134 6.84 20.90 -11.66
C LYS A 134 7.36 19.64 -12.31
N PRO A 135 8.26 19.80 -13.27
CA PRO A 135 9.06 18.70 -13.79
C PRO A 135 9.71 17.83 -12.72
N PHE A 136 9.42 16.54 -12.78
CA PHE A 136 10.19 15.55 -12.07
C PHE A 136 11.64 15.69 -12.36
N GLU A 137 12.40 15.40 -11.29
CA GLU A 137 13.86 15.45 -11.19
C GLU A 137 14.34 14.05 -11.46
N GLN A 138 15.56 13.85 -11.91
CA GLN A 138 16.03 12.47 -11.98
C GLN A 138 16.13 11.93 -10.57
N ALA A 139 16.21 10.62 -10.42
CA ALA A 139 16.39 10.04 -9.11
C ALA A 139 17.82 9.59 -9.03
N ARG A 140 18.23 9.23 -7.82
CA ARG A 140 19.50 8.56 -7.61
C ARG A 140 19.20 7.15 -7.19
N ALA A 141 20.09 6.23 -7.52
CA ALA A 141 19.90 4.86 -7.14
C ALA A 141 20.41 4.64 -5.71
N ILE A 142 19.49 4.40 -4.80
CA ILE A 142 19.75 3.73 -3.56
C ILE A 142 21.02 2.81 -3.56
N ASP A 143 21.86 2.95 -2.54
CA ASP A 143 22.92 2.00 -2.23
C ASP A 143 22.72 1.25 -0.91
N ALA A 144 23.63 0.34 -0.59
CA ALA A 144 23.48 -0.44 0.61
C ALA A 144 23.13 0.33 1.87
N ALA A 145 23.79 1.45 2.10
CA ALA A 145 23.47 2.28 3.26
C ALA A 145 22.05 2.77 3.26
N ASP A 146 21.63 3.28 2.10
CA ASP A 146 20.29 3.76 1.87
C ASP A 146 19.32 2.65 2.17
N ILE A 147 19.56 1.48 1.62
CA ILE A 147 18.66 0.37 1.77
C ILE A 147 18.49 0.08 3.22
N SER A 148 19.61 -0.03 3.91
CA SER A 148 19.56 -0.27 5.34
C SER A 148 18.73 0.82 6.09
N ARG A 149 18.94 2.08 5.74
CA ARG A 149 18.12 3.15 6.26
C ARG A 149 16.66 3.01 5.90
N ILE A 150 16.38 2.61 4.67
CA ILE A 150 14.98 2.59 4.20
C ILE A 150 14.30 1.48 4.99
N LEU A 151 14.98 0.35 5.01
CA LEU A 151 14.51 -0.74 5.78
C LEU A 151 14.32 -0.32 7.21
N ASN A 152 15.17 0.57 7.70
CA ASN A 152 14.99 1.00 9.07
C ASN A 152 13.70 1.70 9.17
N ASP A 153 13.42 2.59 8.23
CA ASP A 153 12.25 3.48 8.38
C ASP A 153 10.93 2.72 8.28
N TYR A 154 10.95 1.65 7.49
CA TYR A 154 9.79 0.79 7.39
C TYR A 154 9.51 0.10 8.69
N GLU A 155 10.54 -0.43 9.34
CA GLU A 155 10.32 -1.19 10.57
C GLU A 155 9.85 -0.25 11.64
N ASN A 156 10.50 0.91 11.73
CA ASN A 156 10.10 1.92 12.68
C ASN A 156 8.71 2.41 12.48
N ALA A 157 8.39 2.61 11.21
CA ALA A 157 7.04 2.95 10.83
C ALA A 157 5.98 1.94 11.33
N ALA A 158 6.25 0.67 11.20
CA ALA A 158 5.29 -0.31 11.63
C ALA A 158 5.18 -0.30 13.13
N ARG A 159 6.34 -0.32 13.76
CA ARG A 159 6.37 -0.34 15.18
C ARG A 159 5.58 0.84 15.68
N ASN A 160 5.91 2.02 15.20
CA ASN A 160 5.13 3.19 15.51
C ASN A 160 3.63 3.09 15.26
N ALA A 161 3.26 2.36 14.21
CA ALA A 161 1.84 2.11 13.94
C ALA A 161 1.21 1.42 15.15
N ILE A 162 1.82 0.33 15.61
CA ILE A 162 1.31 -0.42 16.75
C ILE A 162 1.30 0.41 18.01
N ARG A 163 2.28 1.30 18.16
CA ARG A 163 2.29 2.20 19.29
C ARG A 163 1.08 3.09 19.27
N ALA A 164 0.68 3.57 18.10
CA ALA A 164 -0.47 4.47 18.03
C ALA A 164 -1.78 3.76 18.27
N GLY A 165 -1.73 2.44 18.16
CA GLY A 165 -2.89 1.62 18.31
C GLY A 165 -3.43 0.90 17.09
N PHE A 166 -2.82 1.05 15.90
CA PHE A 166 -3.35 0.35 14.69
C PHE A 166 -3.39 -1.16 14.95
N ASP A 167 -4.35 -1.84 14.33
CA ASP A 167 -4.53 -3.27 14.54
C ASP A 167 -3.55 -4.00 13.69
N GLY A 168 -2.91 -3.26 12.80
CA GLY A 168 -1.85 -3.79 11.94
C GLY A 168 -1.33 -2.76 10.95
N VAL A 169 -0.67 -3.27 9.93
CA VAL A 169 -0.03 -2.43 8.97
C VAL A 169 -0.22 -3.00 7.57
N GLN A 170 -0.21 -2.14 6.57
CA GLN A 170 -0.14 -2.62 5.20
C GLN A 170 0.97 -1.95 4.49
N ILE A 171 1.83 -2.75 3.90
CA ILE A 171 2.97 -2.24 3.18
C ILE A 171 2.49 -1.90 1.79
N HIS A 172 2.58 -0.63 1.43
CA HIS A 172 2.20 -0.20 0.08
C HIS A 172 3.28 -0.51 -0.91
N ALA A 173 3.06 -1.47 -1.80
CA ALA A 173 4.11 -1.96 -2.70
C ALA A 173 3.68 -1.85 -4.17
N ALA A 174 3.08 -0.71 -4.44
CA ALA A 174 2.19 -0.62 -5.58
C ALA A 174 2.20 0.77 -6.17
N ASN A 175 1.46 0.91 -7.24
CA ASN A 175 1.39 2.16 -7.94
C ASN A 175 2.73 2.89 -8.25
N GLY A 176 3.69 2.18 -8.83
CA GLY A 176 4.96 2.79 -9.25
C GLY A 176 5.78 3.58 -8.25
N TYR A 177 5.47 3.40 -6.96
CA TYR A 177 6.29 3.90 -5.87
C TYR A 177 7.48 2.96 -5.60
N LEU A 178 8.03 3.01 -4.41
CA LEU A 178 9.42 2.65 -4.32
C LEU A 178 9.60 1.17 -4.49
N ILE A 179 8.81 0.39 -3.83
CA ILE A 179 8.97 -1.05 -3.95
C ILE A 179 8.60 -1.51 -5.35
N ASP A 180 7.55 -0.92 -5.93
CA ASP A 180 7.15 -1.29 -7.29
C ASP A 180 8.34 -1.08 -8.25
N GLU A 181 8.96 0.09 -8.12
CA GLU A 181 10.12 0.44 -8.93
C GLU A 181 11.17 -0.66 -8.94
N PHE A 182 11.35 -1.33 -7.83
CA PHE A 182 12.33 -2.40 -7.78
C PHE A 182 11.82 -3.61 -8.56
N LEU A 183 10.56 -3.96 -8.40
CA LEU A 183 9.99 -5.13 -9.07
C LEU A 183 9.97 -5.08 -10.60
N ARG A 184 9.90 -3.89 -11.17
CA ARG A 184 9.71 -3.77 -12.60
C ARG A 184 11.03 -3.63 -13.30
N ASN A 185 11.25 -4.47 -14.26
CA ASN A 185 12.44 -4.40 -15.08
C ASN A 185 12.69 -3.07 -15.80
N GLY A 186 11.63 -2.31 -16.00
CA GLY A 186 11.76 -1.05 -16.67
C GLY A 186 12.20 0.02 -15.73
N THR A 187 12.05 -0.19 -14.43
CA THR A 187 12.39 0.86 -13.46
C THR A 187 13.62 0.53 -12.69
N ASN A 188 14.07 -0.71 -12.92
CA ASN A 188 15.19 -1.34 -12.24
C ASN A 188 16.25 -1.91 -13.20
N HIS A 189 17.43 -1.31 -13.07
CA HIS A 189 18.55 -1.59 -13.91
C HIS A 189 19.74 -2.00 -13.06
N ARG A 190 19.50 -2.43 -11.85
CA ARG A 190 20.64 -2.63 -10.95
C ARG A 190 21.41 -3.86 -11.32
N THR A 191 22.70 -3.89 -11.07
CA THR A 191 23.42 -5.14 -11.24
C THR A 191 23.76 -5.84 -9.90
N ASP A 192 23.29 -5.30 -8.77
CA ASP A 192 23.53 -5.94 -7.48
C ASP A 192 22.48 -7.01 -7.22
N GLU A 193 22.41 -7.52 -5.98
CA GLU A 193 21.51 -8.62 -5.58
C GLU A 193 20.09 -8.26 -5.96
N TYR A 194 19.79 -6.97 -5.85
CA TYR A 194 18.45 -6.41 -5.99
C TYR A 194 17.98 -6.25 -7.42
N GLY A 195 18.81 -6.55 -8.41
CA GLY A 195 18.41 -6.40 -9.81
C GLY A 195 18.69 -7.61 -10.66
N GLY A 196 18.19 -7.59 -11.89
CA GLY A 196 18.44 -8.67 -12.82
C GLY A 196 17.34 -9.66 -12.76
N VAL A 197 17.63 -10.88 -12.36
CA VAL A 197 16.58 -11.88 -12.39
C VAL A 197 15.29 -11.43 -11.59
N PRO A 198 14.10 -11.98 -11.91
CA PRO A 198 12.88 -11.76 -11.09
C PRO A 198 13.05 -12.00 -9.61
N GLU A 199 13.70 -13.08 -9.30
CA GLU A 199 13.98 -13.34 -7.91
C GLU A 199 14.71 -12.19 -7.18
N ASN A 200 15.38 -11.31 -7.90
CA ASN A 200 16.10 -10.22 -7.28
C ASN A 200 15.30 -8.93 -7.20
N ARG A 201 14.53 -8.70 -8.26
CA ARG A 201 13.60 -7.57 -8.26
C ARG A 201 12.68 -7.71 -7.06
N ILE A 202 12.43 -8.98 -6.71
CA ILE A 202 11.63 -9.30 -5.56
C ILE A 202 12.33 -9.09 -4.24
N ARG A 203 13.65 -9.15 -4.21
CA ARG A 203 14.40 -9.11 -2.93
C ARG A 203 14.02 -7.90 -2.10
N PHE A 204 13.97 -6.72 -2.72
CA PHE A 204 13.73 -5.53 -1.90
C PHE A 204 12.45 -5.72 -1.15
N LEU A 205 11.40 -6.15 -1.83
CA LEU A 205 10.10 -6.43 -1.16
C LEU A 205 10.19 -7.42 -0.02
N LYS A 206 10.80 -8.55 -0.31
CA LYS A 206 11.10 -9.53 0.72
C LYS A 206 11.76 -8.88 1.97
N GLU A 207 12.85 -8.16 1.75
CA GLU A 207 13.57 -7.57 2.85
C GLU A 207 12.67 -6.58 3.60
N VAL A 208 11.93 -5.73 2.93
CA VAL A 208 10.98 -4.88 3.67
C VAL A 208 9.96 -5.70 4.47
N THR A 209 9.27 -6.58 3.76
CA THR A 209 8.31 -7.48 4.38
C THR A 209 8.91 -8.22 5.57
N GLU A 210 10.11 -8.76 5.40
CA GLU A 210 10.74 -9.51 6.48
C GLU A 210 10.95 -8.69 7.76
N ARG A 211 11.50 -7.49 7.61
CA ARG A 211 11.68 -6.65 8.77
C ARG A 211 10.37 -6.47 9.46
N VAL A 212 9.34 -6.18 8.68
CA VAL A 212 8.08 -5.78 9.22
C VAL A 212 7.48 -6.94 9.94
N ILE A 213 7.51 -8.12 9.33
CA ILE A 213 6.82 -9.25 9.96
C ILE A 213 7.57 -9.62 11.19
N ALA A 214 8.88 -9.67 11.13
CA ALA A 214 9.71 -9.72 12.34
C ALA A 214 9.34 -8.68 13.43
N ALA A 215 8.74 -7.57 13.04
CA ALA A 215 8.55 -6.47 13.97
C ALA A 215 7.24 -6.50 14.61
N ILE A 216 6.22 -7.01 13.95
CA ILE A 216 4.86 -7.02 14.49
C ILE A 216 4.08 -8.25 14.10
N GLY A 217 4.60 -9.09 13.22
CA GLY A 217 3.94 -10.36 12.96
C GLY A 217 3.39 -10.49 11.57
N ALA A 218 3.71 -11.58 10.92
CA ALA A 218 3.17 -11.76 9.59
C ALA A 218 1.64 -11.74 9.68
N ASP A 219 1.11 -12.14 10.82
CA ASP A 219 -0.31 -12.14 10.99
C ASP A 219 -0.94 -10.74 11.11
N ARG A 220 -0.12 -9.70 11.27
CA ARG A 220 -0.66 -8.32 11.27
C ARG A 220 -0.23 -7.50 10.11
N THR A 221 0.22 -8.18 9.07
CA THR A 221 0.91 -7.53 7.98
C THR A 221 0.29 -7.84 6.64
N GLY A 222 -0.07 -6.80 5.90
CA GLY A 222 -0.61 -6.97 4.55
C GLY A 222 0.26 -6.26 3.56
N VAL A 223 0.06 -6.57 2.30
CA VAL A 223 0.83 -5.92 1.30
C VAL A 223 -0.11 -5.54 0.20
N ARG A 224 0.13 -4.41 -0.43
CA ARG A 224 -0.66 -4.08 -1.52
C ARG A 224 0.20 -4.11 -2.69
N LEU A 225 -0.37 -4.65 -3.74
CA LEU A 225 0.26 -4.90 -5.08
C LEU A 225 -0.59 -4.32 -6.23
N SER A 226 0.02 -3.94 -7.37
CA SER A 226 -0.81 -3.42 -8.49
C SER A 226 -0.20 -3.62 -9.88
N PRO A 227 -0.25 -4.85 -10.39
CA PRO A 227 0.52 -5.25 -11.57
C PRO A 227 0.21 -4.45 -12.79
N ASN A 228 -1.05 -4.09 -13.00
CA ASN A 228 -1.41 -3.23 -14.13
C ASN A 228 -1.45 -1.78 -13.75
N GLY A 229 -1.02 -1.47 -12.55
CA GLY A 229 -0.97 -0.10 -12.09
C GLY A 229 -2.26 0.29 -11.46
N ASP A 230 -2.32 1.55 -11.03
CA ASP A 230 -3.47 2.14 -10.32
C ASP A 230 -4.47 2.79 -11.29
N THR A 231 -4.32 2.62 -12.60
CA THR A 231 -5.01 3.47 -13.57
C THR A 231 -5.28 2.86 -14.95
N GLN A 232 -6.51 3.10 -15.43
CA GLN A 232 -6.96 2.80 -16.79
C GLN A 232 -5.78 2.98 -17.74
N GLY A 233 -5.58 2.10 -18.70
CA GLY A 233 -4.54 2.33 -19.69
C GLY A 233 -3.59 1.19 -19.76
N CYS A 234 -2.89 0.90 -18.67
CA CYS A 234 -1.82 -0.06 -18.71
C CYS A 234 -2.21 -1.51 -18.58
N ILE A 235 -1.50 -2.42 -19.25
CA ILE A 235 -1.69 -3.87 -19.08
C ILE A 235 -0.39 -4.68 -19.13
N ASP A 236 0.05 -5.18 -17.99
CA ASP A 236 1.35 -5.83 -17.85
C ASP A 236 1.30 -7.06 -18.73
N SER A 237 2.36 -7.24 -19.52
CA SER A 237 2.40 -8.32 -20.51
C SER A 237 2.32 -9.64 -19.80
N ALA A 238 3.18 -9.88 -18.83
CA ALA A 238 3.18 -11.15 -18.22
C ALA A 238 3.44 -10.93 -16.75
N PRO A 239 2.37 -10.71 -16.02
CA PRO A 239 2.48 -10.48 -14.61
C PRO A 239 2.77 -11.73 -13.80
N GLU A 240 2.71 -12.90 -14.40
CA GLU A 240 3.00 -14.12 -13.67
C GLU A 240 4.50 -14.33 -13.35
N THR A 241 5.36 -13.59 -14.04
CA THR A 241 6.78 -13.78 -13.91
C THR A 241 7.31 -13.17 -12.63
N VAL A 242 6.79 -11.98 -12.27
CA VAL A 242 7.19 -11.32 -11.01
C VAL A 242 6.14 -11.36 -9.96
N PHE A 243 4.93 -10.96 -10.32
CA PHE A 243 3.95 -10.73 -9.30
C PHE A 243 3.42 -12.00 -8.65
N VAL A 244 3.37 -13.07 -9.42
CA VAL A 244 2.89 -14.30 -8.84
C VAL A 244 3.93 -14.80 -7.84
N PRO A 245 5.19 -14.95 -8.26
CA PRO A 245 6.22 -15.27 -7.27
C PRO A 245 6.17 -14.31 -6.05
N ALA A 246 6.00 -13.04 -6.30
CA ALA A 246 5.90 -12.13 -5.22
C ALA A 246 4.84 -12.63 -4.25
N ALA A 247 3.70 -13.00 -4.79
CA ALA A 247 2.60 -13.41 -3.97
C ALA A 247 2.92 -14.73 -3.24
N LYS A 248 3.47 -15.68 -4.00
CA LYS A 248 3.90 -16.96 -3.44
C LYS A 248 4.83 -16.72 -2.23
N LEU A 249 5.81 -15.85 -2.40
CA LEU A 249 6.70 -15.49 -1.30
C LEU A 249 5.94 -14.91 -0.12
N LEU A 250 5.02 -14.01 -0.40
CA LEU A 250 4.28 -13.43 0.68
C LEU A 250 3.53 -14.49 1.42
N GLN A 251 2.98 -15.46 0.69
CA GLN A 251 2.30 -16.57 1.37
C GLN A 251 3.25 -17.21 2.33
N ASP A 252 4.40 -17.62 1.82
CA ASP A 252 5.35 -18.36 2.62
C ASP A 252 5.86 -17.59 3.77
N LEU A 253 5.94 -16.28 3.65
CA LEU A 253 6.47 -15.54 4.75
C LEU A 253 5.46 -15.41 5.85
N GLY A 254 4.20 -15.69 5.57
CA GLY A 254 3.17 -15.66 6.60
C GLY A 254 2.20 -14.51 6.50
N VAL A 255 2.40 -13.67 5.52
CA VAL A 255 1.62 -12.45 5.39
C VAL A 255 0.11 -12.64 5.48
N ALA A 256 -0.51 -11.81 6.28
CA ALA A 256 -1.87 -12.06 6.67
C ALA A 256 -2.85 -11.97 5.56
N TRP A 257 -2.64 -11.02 4.66
CA TRP A 257 -3.60 -10.75 3.59
C TRP A 257 -3.00 -9.88 2.48
N LEU A 258 -3.74 -9.69 1.41
CA LEU A 258 -3.16 -9.08 0.23
C LEU A 258 -4.18 -8.26 -0.57
N GLU A 259 -3.99 -6.95 -0.65
CA GLU A 259 -4.84 -6.08 -1.46
C GLU A 259 -4.23 -6.07 -2.83
N LEU A 260 -5.06 -5.93 -3.84
CA LEU A 260 -4.62 -6.11 -5.19
C LEU A 260 -5.37 -5.06 -5.97
N ARG A 261 -4.71 -3.98 -6.33
CA ARG A 261 -5.38 -2.80 -6.78
C ARG A 261 -5.29 -2.87 -8.25
N GLU A 262 -6.39 -2.53 -8.90
CA GLU A 262 -6.54 -2.82 -10.32
C GLU A 262 -7.59 -1.93 -10.94
N PRO A 263 -7.21 -1.08 -11.90
CA PRO A 263 -8.06 -0.01 -12.38
C PRO A 263 -9.39 -0.53 -12.94
N GLY A 264 -10.47 0.13 -12.54
CA GLY A 264 -11.74 -0.55 -12.19
C GLY A 264 -12.50 -0.86 -13.43
N PRO A 265 -13.54 -1.71 -13.33
CA PRO A 265 -14.19 -2.25 -14.53
C PRO A 265 -14.40 -1.10 -15.49
N ASN A 266 -14.22 -1.31 -16.80
CA ASN A 266 -14.25 -0.15 -17.74
C ASN A 266 -15.65 0.36 -18.12
N GLY A 267 -16.59 -0.53 -18.44
CA GLY A 267 -18.01 -0.13 -18.50
C GLY A 267 -18.56 0.17 -17.10
N THR A 268 -19.85 0.47 -16.98
CA THR A 268 -20.54 0.24 -15.71
C THR A 268 -20.64 -1.28 -15.65
N PHE A 269 -21.36 -1.85 -16.62
CA PHE A 269 -21.61 -3.27 -16.71
C PHE A 269 -20.38 -4.08 -17.16
N GLY A 270 -19.29 -3.42 -17.60
CA GLY A 270 -17.98 -4.07 -17.90
C GLY A 270 -17.36 -4.94 -16.77
N LYS A 271 -16.58 -5.96 -17.15
CA LYS A 271 -16.16 -7.09 -16.24
C LYS A 271 -15.32 -6.64 -15.03
N THR A 272 -15.19 -7.59 -14.10
CA THR A 272 -14.57 -7.33 -12.82
C THR A 272 -13.07 -7.61 -12.88
N ASP A 273 -12.67 -8.82 -13.21
CA ASP A 273 -11.25 -8.94 -13.20
C ASP A 273 -10.58 -8.54 -14.51
N GLN A 274 -11.28 -7.88 -15.46
CA GLN A 274 -10.95 -8.03 -16.92
C GLN A 274 -9.65 -8.79 -17.10
N PRO A 275 -8.49 -8.16 -16.69
CA PRO A 275 -7.09 -8.71 -16.69
C PRO A 275 -6.84 -10.08 -16.07
N LYS A 276 -7.88 -10.74 -15.58
CA LYS A 276 -7.84 -12.02 -14.86
C LYS A 276 -6.57 -12.29 -14.06
N LEU A 277 -6.32 -11.38 -13.11
CA LEU A 277 -5.26 -11.55 -12.16
C LEU A 277 -5.58 -12.49 -11.02
N SER A 278 -6.69 -12.27 -10.31
CA SER A 278 -6.95 -13.01 -9.08
C SER A 278 -6.77 -14.51 -9.17
N PRO A 279 -7.34 -15.16 -10.18
CA PRO A 279 -7.14 -16.60 -10.32
C PRO A 279 -5.68 -17.05 -10.34
N GLN A 280 -4.81 -16.21 -10.90
CA GLN A 280 -3.38 -16.49 -10.94
C GLN A 280 -2.74 -16.39 -9.56
N ILE A 281 -3.26 -15.46 -8.79
CA ILE A 281 -2.69 -15.16 -7.52
C ILE A 281 -3.24 -16.09 -6.44
N ARG A 282 -4.55 -16.32 -6.49
CA ARG A 282 -5.17 -17.37 -5.74
C ARG A 282 -4.48 -18.72 -5.89
N LYS A 283 -4.03 -19.02 -7.09
CA LYS A 283 -3.23 -20.22 -7.32
C LYS A 283 -2.12 -20.30 -6.28
N VAL A 284 -1.48 -19.19 -5.90
CA VAL A 284 -0.36 -19.26 -4.93
C VAL A 284 -0.58 -18.61 -3.56
N PHE A 285 -1.53 -17.72 -3.42
CA PHE A 285 -1.72 -17.02 -2.17
C PHE A 285 -3.07 -17.40 -1.67
N LEU A 286 -3.13 -17.88 -0.46
CA LEU A 286 -4.27 -18.62 0.00
C LEU A 286 -4.99 -17.93 1.07
N ARG A 287 -4.41 -16.93 1.68
CA ARG A 287 -5.18 -16.21 2.67
C ARG A 287 -6.05 -15.15 2.02
N PRO A 288 -6.66 -14.26 2.80
CA PRO A 288 -7.60 -13.32 2.21
C PRO A 288 -7.03 -12.37 1.14
N LEU A 289 -7.74 -12.28 0.05
CA LEU A 289 -7.34 -11.48 -1.01
C LEU A 289 -8.37 -10.36 -1.19
N VAL A 290 -7.93 -9.13 -1.00
CA VAL A 290 -8.79 -8.02 -1.27
C VAL A 290 -8.63 -7.54 -2.70
N LEU A 291 -9.74 -7.37 -3.38
CA LEU A 291 -9.71 -6.73 -4.65
C LEU A 291 -10.12 -5.33 -4.45
N ASN A 292 -9.28 -4.46 -4.95
CA ASN A 292 -9.56 -3.06 -4.99
C ASN A 292 -9.65 -2.57 -6.42
N GLN A 293 -10.88 -2.40 -6.91
CA GLN A 293 -11.16 -1.72 -8.19
C GLN A 293 -12.10 -0.61 -7.91
N ASP A 294 -12.20 0.34 -8.83
CA ASP A 294 -13.15 1.44 -8.67
C ASP A 294 -14.47 0.84 -9.09
N TYR A 295 -15.35 0.61 -8.10
CA TYR A 295 -16.41 -0.41 -8.16
C TYR A 295 -17.77 0.10 -7.76
N THR A 296 -18.81 -0.22 -8.52
CA THR A 296 -20.18 -0.01 -8.05
C THR A 296 -20.44 -1.16 -7.11
N PHE A 297 -21.35 -0.97 -6.17
CA PHE A 297 -21.66 -2.03 -5.24
C PHE A 297 -22.03 -3.33 -5.99
N GLU A 298 -22.95 -3.22 -6.93
CA GLU A 298 -23.49 -4.39 -7.61
C GLU A 298 -22.27 -5.18 -8.11
N ALA A 299 -21.30 -4.46 -8.69
CA ALA A 299 -20.06 -5.05 -9.20
C ALA A 299 -19.30 -5.84 -8.15
N ALA A 300 -19.08 -5.19 -7.01
CA ALA A 300 -18.46 -5.81 -5.88
C ALA A 300 -19.18 -7.11 -5.52
N GLN A 301 -20.46 -6.95 -5.18
CA GLN A 301 -21.25 -8.03 -4.65
C GLN A 301 -21.11 -9.24 -5.58
N THR A 302 -20.96 -8.92 -6.86
CA THR A 302 -20.67 -9.93 -7.88
C THR A 302 -19.41 -10.72 -7.62
N ALA A 303 -18.27 -10.04 -7.80
CA ALA A 303 -16.95 -10.65 -7.72
C ALA A 303 -16.80 -11.56 -6.54
N LEU A 304 -17.32 -11.06 -5.44
CA LEU A 304 -17.19 -11.73 -4.20
C LEU A 304 -17.92 -13.05 -4.30
N ALA A 305 -19.14 -12.96 -4.85
CA ALA A 305 -19.99 -14.11 -5.15
C ALA A 305 -19.41 -14.98 -6.27
N GLU A 306 -18.70 -14.40 -7.21
CA GLU A 306 -18.06 -15.20 -8.23
C GLU A 306 -16.73 -15.83 -7.80
N GLY A 307 -16.44 -15.86 -6.50
CA GLY A 307 -15.16 -16.38 -6.02
C GLY A 307 -13.89 -15.56 -6.26
N LYS A 308 -13.95 -14.38 -6.88
CA LYS A 308 -12.74 -13.65 -7.31
C LYS A 308 -11.86 -13.11 -6.20
N ALA A 309 -12.50 -12.78 -5.08
CA ALA A 309 -11.86 -12.14 -3.94
C ALA A 309 -12.59 -12.50 -2.66
N ASP A 310 -11.96 -12.26 -1.51
CA ASP A 310 -12.59 -12.52 -0.21
C ASP A 310 -13.18 -11.29 0.44
N ALA A 311 -12.72 -10.13 0.01
CA ALA A 311 -13.33 -8.87 0.42
C ALA A 311 -12.98 -7.82 -0.61
N ILE A 312 -13.66 -6.67 -0.52
CA ILE A 312 -13.53 -5.66 -1.54
C ILE A 312 -13.24 -4.28 -0.99
N ALA A 313 -12.38 -3.56 -1.71
CA ALA A 313 -11.97 -2.23 -1.30
C ALA A 313 -12.64 -1.11 -2.10
N PHE A 314 -12.90 -0.01 -1.40
CA PHE A 314 -13.51 1.21 -1.95
C PHE A 314 -12.78 2.47 -1.43
N GLY A 315 -13.05 3.64 -2.03
CA GLY A 315 -12.49 4.94 -1.55
C GLY A 315 -12.95 6.17 -2.32
C1 PGE B . -3.09 -4.58 19.09
O1 PGE B . -1.95 -3.91 19.63
C2 PGE B . -4.45 -4.18 19.71
O2 PGE B . -4.92 -2.88 19.31
C3 PGE B . -5.02 -1.85 20.35
C4 PGE B . -3.63 -1.40 20.91
O4 PGE B . -0.65 -1.42 21.63
C6 PGE B . -1.28 -0.56 22.63
C5 PGE B . -2.40 0.43 22.16
O3 PGE B . -3.67 -0.20 21.77
C1 PEG C . 12.58 11.52 12.82
O1 PEG C . 12.21 12.24 14.04
C2 PEG C . 14.05 11.12 12.62
O2 PEG C . 14.30 9.68 12.60
C3 PEG C . 15.52 9.23 13.25
C4 PEG C . 15.87 7.74 12.96
O4 PEG C . 15.55 6.78 14.00
HG HG D . -1.98 5.85 -4.20
#